data_6FI4
#
_entry.id   6FI4
#
_cell.length_a   62.380
_cell.length_b   148.460
_cell.length_c   78.040
_cell.angle_alpha   90.000
_cell.angle_beta   90.000
_cell.angle_gamma   90.000
#
_symmetry.space_group_name_H-M   'C 2 2 2'
#
loop_
_entity.id
_entity.type
_entity.pdbx_description
1 polymer '14-3-3 protein sigma'
2 polymer PRO-SEP-LEU-PRO-DVA
3 non-polymer 'CALCIUM ION'
4 non-polymer 'CHLORIDE ION'
5 non-polymer 'SODIUM ION'
6 non-polymer (2~{S})-2-(diphenylmethyl)pyrrolidine
7 water water
#
loop_
_entity_poly.entity_id
_entity_poly.type
_entity_poly.pdbx_seq_one_letter_code
_entity_poly.pdbx_strand_id
1 'polypeptide(L)'
;GAMGSMERASLIQKAKLAEQAERYEDMAAFMKGAVEKGEELSCEERNLLSVAYKNVVGGQRAAWRVLSSIEQKSNEEGSE
EKGPEVREYREKVETELQGVCDTVLGLLDSHLIKEAGDAESRVFYLKMKGDYYRYLAEVATGDDKKRIIDSARSAYQEAM
DISKKEMPPTNPIRLGLALNFSVFHYEIANSPEEAISLAKTTFDEAMADLHTLSEDSYKDSTLIMQLLRDNLTLWT
;
A
2 'polypeptide(L)' P(SEP)LP(DVA) B
#
loop_
_chem_comp.id
_chem_comp.type
_chem_comp.name
_chem_comp.formula
60H non-polymer (2~{S})-2-(diphenylmethyl)pyrrolidine 'C17 H19 N'
CA non-polymer 'CALCIUM ION' 'Ca 2'
CL non-polymer 'CHLORIDE ION' 'Cl -1'
NA non-polymer 'SODIUM ION' 'Na 1'
#
# COMPACT_ATOMS: atom_id res chain seq x y z
N GLY A 1 -2.54 2.80 -25.17
CA GLY A 1 -2.43 1.77 -24.09
C GLY A 1 -2.76 0.38 -24.59
N ALA A 2 -2.11 -0.63 -24.00
CA ALA A 2 -2.37 -2.01 -24.39
C ALA A 2 -3.82 -2.41 -24.14
N MET A 3 -4.48 -1.74 -23.20
CA MET A 3 -5.87 -2.00 -22.88
C MET A 3 -6.82 -0.95 -23.46
N GLY A 4 -6.33 -0.12 -24.38
CA GLY A 4 -7.10 1.02 -24.83
C GLY A 4 -8.37 0.66 -25.57
N SER A 5 -8.38 -0.48 -26.27
CA SER A 5 -9.54 -0.88 -27.06
C SER A 5 -10.59 -1.65 -26.27
N MET A 6 -10.31 -2.00 -25.02
CA MET A 6 -11.25 -2.80 -24.24
C MET A 6 -12.14 -1.91 -23.38
N GLU A 7 -13.41 -2.27 -23.31
CA GLU A 7 -14.36 -1.50 -22.50
C GLU A 7 -14.00 -1.57 -21.02
N ARG A 8 -14.26 -0.47 -20.32
CA ARG A 8 -13.94 -0.38 -18.91
C ARG A 8 -14.53 -1.55 -18.13
N ALA A 9 -15.81 -1.85 -18.37
CA ALA A 9 -16.48 -2.89 -17.60
C ALA A 9 -15.86 -4.27 -17.85
N SER A 10 -15.37 -4.52 -19.06
CA SER A 10 -14.71 -5.78 -19.36
C SER A 10 -13.35 -5.88 -18.68
N LEU A 11 -12.65 -4.76 -18.54
CA LEU A 11 -11.38 -4.76 -17.81
C LEU A 11 -11.59 -5.06 -16.33
N ILE A 12 -12.63 -4.47 -15.73
CA ILE A 12 -12.95 -4.78 -14.34
C ILE A 12 -13.32 -6.25 -14.20
N GLN A 13 -14.14 -6.75 -15.13
CA GLN A 13 -14.55 -8.15 -15.09
C GLN A 13 -13.34 -9.06 -15.16
N LYS A 14 -12.39 -8.76 -16.05
CA LYS A 14 -11.23 -9.62 -16.22
C LYS A 14 -10.24 -9.47 -15.07
N ALA A 15 -10.19 -8.28 -14.44
CA ALA A 15 -9.40 -8.14 -13.23
C ALA A 15 -9.89 -9.09 -12.14
N LYS A 16 -11.21 -9.29 -12.07
CA LYS A 16 -11.76 -10.19 -11.06
C LYS A 16 -11.47 -11.65 -11.40
N LEU A 17 -11.50 -11.99 -12.69
CA LEU A 17 -11.12 -13.34 -13.11
C LEU A 17 -9.65 -13.61 -12.82
N ALA A 18 -8.79 -12.63 -13.13
CA ALA A 18 -7.37 -12.77 -12.85
C ALA A 18 -7.11 -12.96 -11.36
N GLU A 19 -7.85 -12.23 -10.52
CA GLU A 19 -7.73 -12.43 -9.07
C GLU A 19 -8.06 -13.87 -8.71
N GLN A 20 -9.18 -14.38 -9.22
CA GLN A 20 -9.57 -15.75 -8.93
C GLN A 20 -8.49 -16.74 -9.38
N ALA A 21 -7.82 -16.44 -10.49
CA ALA A 21 -6.78 -17.30 -11.02
C ALA A 21 -5.41 -17.02 -10.42
N GLU A 22 -5.32 -16.05 -9.50
CA GLU A 22 -4.03 -15.66 -8.90
C GLU A 22 -3.05 -15.22 -9.98
N ARG A 23 -3.57 -14.53 -10.99
CA ARG A 23 -2.77 -13.96 -12.06
C ARG A 23 -2.68 -12.45 -11.81
N TYR A 24 -1.84 -12.10 -10.84
CA TYR A 24 -1.84 -10.72 -10.34
C TYR A 24 -1.19 -9.76 -11.32
N GLU A 25 -0.25 -10.23 -12.12
CA GLU A 25 0.30 -9.38 -13.18
CA GLU A 25 0.30 -9.38 -13.18
C GLU A 25 -0.78 -8.98 -14.18
N ASP A 26 -1.52 -9.97 -14.68
CA ASP A 26 -2.65 -9.67 -15.54
C ASP A 26 -3.66 -8.78 -14.82
N MET A 27 -3.94 -9.09 -13.55
CA MET A 27 -4.88 -8.29 -12.78
C MET A 27 -4.45 -6.83 -12.72
N ALA A 28 -3.15 -6.60 -12.48
CA ALA A 28 -2.65 -5.23 -12.41
C ALA A 28 -2.76 -4.53 -13.76
N ALA A 29 -2.50 -5.25 -14.85
CA ALA A 29 -2.59 -4.64 -16.18
C ALA A 29 -4.02 -4.26 -16.51
N PHE A 30 -4.99 -5.12 -16.16
CA PHE A 30 -6.40 -4.81 -16.40
C PHE A 30 -6.83 -3.57 -15.61
N MET A 31 -6.44 -3.49 -14.34
CA MET A 31 -6.85 -2.35 -13.53
C MET A 31 -6.18 -1.06 -14.00
N LYS A 32 -4.90 -1.15 -14.41
CA LYS A 32 -4.26 0.02 -15.00
C LYS A 32 -5.06 0.52 -16.20
N GLY A 33 -5.51 -0.40 -17.05
CA GLY A 33 -6.33 0.00 -18.18
C GLY A 33 -7.63 0.66 -17.75
N ALA A 34 -8.25 0.14 -16.69
CA ALA A 34 -9.48 0.74 -16.19
C ALA A 34 -9.23 2.15 -15.68
N VAL A 35 -8.16 2.34 -14.90
CA VAL A 35 -7.83 3.67 -14.40
C VAL A 35 -7.64 4.63 -15.56
N GLU A 36 -7.00 4.16 -16.65
CA GLU A 36 -6.68 5.03 -17.77
C GLU A 36 -7.91 5.42 -18.57
N LYS A 37 -9.07 4.83 -18.30
CA LYS A 37 -10.31 5.33 -18.88
C LYS A 37 -10.70 6.70 -18.35
N GLY A 38 -10.08 7.14 -17.24
CA GLY A 38 -10.26 8.50 -16.76
C GLY A 38 -11.39 8.70 -15.77
N GLU A 39 -12.11 7.65 -15.41
CA GLU A 39 -13.21 7.75 -14.46
C GLU A 39 -12.76 7.31 -13.08
N GLU A 40 -13.42 7.84 -12.05
CA GLU A 40 -13.07 7.49 -10.68
C GLU A 40 -13.34 6.01 -10.43
N LEU A 41 -12.59 5.45 -9.48
CA LEU A 41 -12.79 4.07 -9.07
C LEU A 41 -13.74 4.00 -7.89
N SER A 42 -14.65 3.03 -7.93
CA SER A 42 -15.50 2.75 -6.79
C SER A 42 -14.67 2.12 -5.67
N CYS A 43 -15.32 1.93 -4.51
N CYS A 43 -15.32 1.93 -4.52
CA CYS A 43 -14.64 1.29 -3.40
CA CYS A 43 -14.65 1.29 -3.40
C CYS A 43 -14.18 -0.11 -3.78
C CYS A 43 -14.18 -0.11 -3.78
N GLU A 44 -15.04 -0.90 -4.42
CA GLU A 44 -14.67 -2.24 -4.84
C GLU A 44 -13.50 -2.19 -5.82
N GLU A 45 -13.50 -1.21 -6.71
CA GLU A 45 -12.45 -1.15 -7.74
C GLU A 45 -11.12 -0.71 -7.13
N ARG A 46 -11.15 0.22 -6.18
CA ARG A 46 -9.95 0.60 -5.45
C ARG A 46 -9.27 -0.61 -4.82
N ASN A 47 -10.06 -1.50 -4.20
CA ASN A 47 -9.49 -2.68 -3.57
C ASN A 47 -8.84 -3.60 -4.60
N LEU A 48 -9.46 -3.73 -5.77
CA LEU A 48 -8.88 -4.55 -6.83
C LEU A 48 -7.53 -3.98 -7.27
N LEU A 49 -7.45 -2.67 -7.44
CA LEU A 49 -6.18 -2.04 -7.81
C LEU A 49 -5.13 -2.28 -6.75
N SER A 50 -5.51 -2.16 -5.48
CA SER A 50 -4.58 -2.40 -4.38
C SER A 50 -4.16 -3.86 -4.35
N VAL A 51 -5.14 -4.78 -4.41
CA VAL A 51 -4.83 -6.21 -4.39
C VAL A 51 -3.87 -6.56 -5.52
N ALA A 52 -4.15 -6.07 -6.72
CA ALA A 52 -3.35 -6.43 -7.88
C ALA A 52 -1.89 -6.05 -7.68
N TYR A 53 -1.62 -4.77 -7.48
CA TYR A 53 -0.24 -4.28 -7.51
C TYR A 53 0.52 -4.67 -6.25
N LYS A 54 -0.15 -4.70 -5.10
CA LYS A 54 0.54 -5.08 -3.88
C LYS A 54 1.04 -6.52 -3.96
N ASN A 55 0.32 -7.39 -4.66
CA ASN A 55 0.79 -8.76 -4.86
C ASN A 55 1.97 -8.82 -5.81
N VAL A 56 1.97 -7.99 -6.86
CA VAL A 56 3.08 -7.98 -7.80
C VAL A 56 4.36 -7.54 -7.10
N VAL A 57 4.32 -6.37 -6.44
CA VAL A 57 5.53 -5.88 -5.79
C VAL A 57 5.87 -6.75 -4.59
N GLY A 58 4.87 -7.33 -3.92
CA GLY A 58 5.15 -8.22 -2.82
C GLY A 58 6.07 -9.36 -3.21
N GLY A 59 5.77 -10.03 -4.33
CA GLY A 59 6.64 -11.10 -4.79
C GLY A 59 8.02 -10.59 -5.17
N GLN A 60 8.09 -9.39 -5.74
CA GLN A 60 9.38 -8.81 -6.10
C GLN A 60 10.18 -8.42 -4.86
N ARG A 61 9.50 -7.85 -3.86
CA ARG A 61 10.17 -7.51 -2.61
C ARG A 61 10.70 -8.75 -1.91
N ALA A 62 9.87 -9.80 -1.83
CA ALA A 62 10.32 -11.04 -1.21
C ALA A 62 11.54 -11.60 -1.93
N ALA A 63 11.51 -11.59 -3.27
CA ALA A 63 12.66 -12.05 -4.04
C ALA A 63 13.88 -11.16 -3.77
N TRP A 64 13.67 -9.85 -3.73
CA TRP A 64 14.78 -8.93 -3.49
C TRP A 64 15.40 -9.17 -2.12
N ARG A 65 14.58 -9.41 -1.10
CA ARG A 65 15.11 -9.64 0.24
CA ARG A 65 15.12 -9.63 0.23
C ARG A 65 15.96 -10.91 0.27
N VAL A 66 15.51 -11.95 -0.43
CA VAL A 66 16.29 -13.20 -0.50
C VAL A 66 17.64 -12.93 -1.14
N LEU A 67 17.64 -12.30 -2.31
CA LEU A 67 18.90 -12.05 -3.01
C LEU A 67 19.79 -11.09 -2.24
N SER A 68 19.19 -10.07 -1.61
CA SER A 68 19.98 -9.15 -0.81
C SER A 68 20.62 -9.87 0.37
N SER A 69 19.87 -10.76 1.04
CA SER A 69 20.43 -11.53 2.14
C SER A 69 21.61 -12.37 1.69
N ILE A 70 21.46 -13.07 0.56
CA ILE A 70 22.57 -13.83 0.00
C ILE A 70 23.75 -12.91 -0.29
N GLU A 71 23.47 -11.70 -0.78
CA GLU A 71 24.53 -10.78 -1.15
C GLU A 71 25.32 -10.32 0.06
N GLN A 72 24.63 -10.09 1.18
CA GLN A 72 25.33 -9.64 2.39
C GLN A 72 26.24 -10.74 2.94
N LYS A 73 25.79 -12.00 2.87
CA LYS A 73 26.62 -13.10 3.38
C LYS A 73 27.94 -13.17 2.64
N SER A 74 27.94 -12.88 1.34
CA SER A 74 29.15 -12.94 0.54
C SER A 74 30.21 -11.96 1.05
N GLY A 83 32.21 -13.70 -7.30
CA GLY A 83 31.74 -13.31 -8.61
C GLY A 83 30.63 -12.28 -8.54
N PRO A 84 30.34 -11.60 -9.65
CA PRO A 84 29.33 -10.54 -9.66
C PRO A 84 27.90 -11.05 -9.83
N GLU A 85 27.69 -12.37 -9.88
CA GLU A 85 26.40 -12.89 -10.29
C GLU A 85 25.29 -12.50 -9.32
N VAL A 86 25.55 -12.59 -8.01
CA VAL A 86 24.51 -12.29 -7.02
C VAL A 86 24.10 -10.82 -7.12
N ARG A 87 25.08 -9.92 -7.14
CA ARG A 87 24.77 -8.50 -7.25
C ARG A 87 23.99 -8.22 -8.54
N GLU A 88 24.45 -8.79 -9.66
CA GLU A 88 23.80 -8.54 -10.94
C GLU A 88 22.35 -8.96 -10.92
N TYR A 89 22.06 -10.16 -10.41
CA TYR A 89 20.68 -10.63 -10.40
C TYR A 89 19.84 -9.85 -9.39
N ARG A 90 20.43 -9.51 -8.25
CA ARG A 90 19.73 -8.64 -7.29
C ARG A 90 19.39 -7.31 -7.94
N GLU A 91 20.32 -6.74 -8.70
CA GLU A 91 20.05 -5.48 -9.40
C GLU A 91 18.94 -5.66 -10.43
N LYS A 92 18.92 -6.81 -11.12
CA LYS A 92 17.86 -7.07 -12.09
C LYS A 92 16.49 -7.03 -11.41
N VAL A 93 16.35 -7.75 -10.29
CA VAL A 93 15.09 -7.76 -9.57
C VAL A 93 14.79 -6.37 -9.02
N GLU A 94 15.80 -5.67 -8.54
CA GLU A 94 15.62 -4.33 -8.00
C GLU A 94 15.05 -3.39 -9.05
N THR A 95 15.62 -3.42 -10.25
CA THR A 95 15.18 -2.52 -11.32
C THR A 95 13.75 -2.83 -11.73
N GLU A 96 13.38 -4.11 -11.80
CA GLU A 96 12.00 -4.48 -12.10
C GLU A 96 11.05 -3.99 -11.01
N LEU A 97 11.44 -4.12 -9.74
CA LEU A 97 10.61 -3.66 -8.65
C LEU A 97 10.38 -2.15 -8.73
N GLN A 98 11.45 -1.40 -8.97
CA GLN A 98 11.32 0.05 -9.11
C GLN A 98 10.41 0.41 -10.27
N GLY A 99 10.39 -0.40 -11.33
CA GLY A 99 9.53 -0.12 -12.46
C GLY A 99 8.06 -0.21 -12.10
N VAL A 100 7.69 -1.22 -11.31
CA VAL A 100 6.30 -1.36 -10.90
C VAL A 100 5.89 -0.22 -9.98
N CYS A 101 6.77 0.16 -9.05
CA CYS A 101 6.47 1.29 -8.17
C CYS A 101 6.30 2.58 -8.97
N ASP A 102 7.16 2.82 -9.96
CA ASP A 102 7.03 4.00 -10.79
C ASP A 102 5.70 3.99 -11.54
N THR A 103 5.28 2.81 -12.00
CA THR A 103 4.00 2.70 -12.69
C THR A 103 2.84 3.09 -11.78
N VAL A 104 2.82 2.55 -10.56
CA VAL A 104 1.72 2.82 -9.64
C VAL A 104 1.71 4.31 -9.28
N LEU A 105 2.86 4.85 -8.88
CA LEU A 105 2.94 6.27 -8.56
C LEU A 105 2.52 7.13 -9.74
N GLY A 106 2.82 6.68 -10.96
CA GLY A 106 2.38 7.40 -12.14
C GLY A 106 0.88 7.43 -12.27
N LEU A 107 0.24 6.27 -12.04
CA LEU A 107 -1.22 6.23 -12.06
C LEU A 107 -1.82 7.13 -10.99
N LEU A 108 -1.28 7.06 -9.76
CA LEU A 108 -1.79 7.87 -8.69
C LEU A 108 -1.74 9.35 -9.04
N ASP A 109 -0.58 9.82 -9.51
CA ASP A 109 -0.42 11.24 -9.79
C ASP A 109 -1.19 11.66 -11.04
N SER A 110 -1.23 10.79 -12.06
CA SER A 110 -1.81 11.18 -13.34
C SER A 110 -3.33 11.05 -13.35
N HIS A 111 -3.90 10.17 -12.54
CA HIS A 111 -5.32 9.85 -12.69
C HIS A 111 -6.09 9.84 -11.37
N LEU A 112 -5.51 9.32 -10.30
CA LEU A 112 -6.30 8.95 -9.13
C LEU A 112 -6.32 10.02 -8.05
N ILE A 113 -5.20 10.66 -7.75
CA ILE A 113 -5.14 11.68 -6.71
C ILE A 113 -5.76 12.96 -7.26
N LYS A 114 -6.83 13.43 -6.63
CA LYS A 114 -7.51 14.65 -7.04
C LYS A 114 -7.92 15.46 -5.81
N ASP A 118 -14.25 12.84 -2.30
CA ASP A 118 -14.50 11.93 -1.18
C ASP A 118 -13.25 11.78 -0.31
N ALA A 119 -13.41 11.98 0.99
CA ALA A 119 -12.26 11.93 1.89
C ALA A 119 -11.64 10.55 1.92
N GLU A 120 -12.46 9.51 2.02
CA GLU A 120 -11.94 8.15 2.10
C GLU A 120 -11.10 7.81 0.87
N SER A 121 -11.59 8.15 -0.32
CA SER A 121 -10.84 7.87 -1.54
C SER A 121 -9.53 8.66 -1.57
N ARG A 122 -9.57 9.93 -1.15
CA ARG A 122 -8.35 10.72 -1.12
C ARG A 122 -7.32 10.11 -0.17
N VAL A 123 -7.76 9.68 1.02
CA VAL A 123 -6.85 9.03 1.95
C VAL A 123 -6.35 7.71 1.36
N PHE A 124 -7.23 6.95 0.73
CA PHE A 124 -6.84 5.67 0.13
C PHE A 124 -5.66 5.83 -0.81
N TYR A 125 -5.75 6.80 -1.72
CA TYR A 125 -4.70 6.96 -2.74
C TYR A 125 -3.43 7.58 -2.15
N LEU A 126 -3.57 8.48 -1.18
CA LEU A 126 -2.38 9.04 -0.53
C LEU A 126 -1.67 7.98 0.29
N LYS A 127 -2.42 7.07 0.92
CA LYS A 127 -1.79 5.94 1.60
C LYS A 127 -1.00 5.09 0.60
N MET A 128 -1.60 4.80 -0.56
CA MET A 128 -0.91 4.03 -1.58
C MET A 128 0.40 4.70 -1.97
N LYS A 129 0.37 6.01 -2.18
CA LYS A 129 1.58 6.73 -2.56
C LYS A 129 2.66 6.59 -1.51
N GLY A 130 2.29 6.67 -0.23
CA GLY A 130 3.26 6.47 0.82
C GLY A 130 3.84 5.06 0.83
N ASP A 131 2.99 4.07 0.58
CA ASP A 131 3.45 2.69 0.53
C ASP A 131 4.50 2.49 -0.56
N TYR A 132 4.20 2.91 -1.78
CA TYR A 132 5.09 2.62 -2.89
C TYR A 132 6.32 3.51 -2.89
N TYR A 133 6.27 4.67 -2.26
CA TYR A 133 7.51 5.39 -1.97
C TYR A 133 8.30 4.66 -0.90
N ARG A 134 7.61 4.09 0.09
CA ARG A 134 8.28 3.30 1.12
C ARG A 134 8.98 2.09 0.49
N TYR A 135 8.33 1.44 -0.48
CA TYR A 135 8.96 0.29 -1.14
C TYR A 135 10.19 0.72 -1.92
N LEU A 136 10.15 1.88 -2.56
CA LEU A 136 11.35 2.39 -3.23
C LEU A 136 12.44 2.72 -2.23
N ALA A 137 12.09 3.19 -1.04
CA ALA A 137 13.09 3.53 -0.04
C ALA A 137 13.78 2.30 0.51
N GLU A 138 13.08 1.16 0.52
CA GLU A 138 13.67 -0.08 1.02
C GLU A 138 14.88 -0.52 0.19
N VAL A 139 14.96 -0.11 -1.08
CA VAL A 139 16.04 -0.51 -1.97
C VAL A 139 16.93 0.65 -2.39
N ALA A 140 16.72 1.84 -1.84
CA ALA A 140 17.51 3.01 -2.24
C ALA A 140 18.85 3.04 -1.52
N LYS A 145 17.86 8.64 -2.44
CA LYS A 145 17.15 8.28 -1.21
C LYS A 145 16.83 9.54 -0.41
N LYS A 146 15.95 9.40 0.59
CA LYS A 146 15.54 10.50 1.45
C LYS A 146 14.73 11.52 0.66
N ARG A 147 15.19 11.87 -0.55
CA ARG A 147 14.27 12.43 -1.54
C ARG A 147 13.09 11.50 -1.77
N ILE A 148 13.24 10.22 -1.44
CA ILE A 148 12.14 9.26 -1.49
C ILE A 148 11.42 9.17 -0.15
N ILE A 149 12.17 9.16 0.97
CA ILE A 149 11.55 9.01 2.27
C ILE A 149 10.67 10.22 2.60
N ASP A 150 11.18 11.42 2.35
CA ASP A 150 10.37 12.61 2.56
C ASP A 150 9.12 12.59 1.71
N SER A 151 9.20 12.02 0.50
CA SER A 151 8.00 11.89 -0.33
C SER A 151 7.01 10.92 0.31
N ALA A 152 7.50 9.83 0.91
CA ALA A 152 6.63 8.89 1.59
C ALA A 152 5.99 9.53 2.82
N ARG A 153 6.81 10.18 3.65
CA ARG A 153 6.28 10.85 4.85
C ARG A 153 5.24 11.89 4.48
N SER A 154 5.54 12.73 3.48
CA SER A 154 4.60 13.76 3.06
C SER A 154 3.27 13.16 2.64
N ALA A 155 3.30 12.04 1.92
CA ALA A 155 2.06 11.39 1.50
C ALA A 155 1.32 10.80 2.70
N TYR A 156 2.04 10.06 3.56
CA TYR A 156 1.42 9.51 4.75
C TYR A 156 0.84 10.61 5.64
N GLN A 157 1.62 11.67 5.87
CA GLN A 157 1.18 12.72 6.78
C GLN A 157 -0.07 13.41 6.25
N GLU A 158 -0.08 13.76 4.96
N GLU A 158 -0.08 13.76 4.96
CA GLU A 158 -1.27 14.37 4.37
CA GLU A 158 -1.26 14.37 4.37
C GLU A 158 -2.47 13.46 4.51
C GLU A 158 -2.47 13.46 4.49
N ALA A 159 -2.28 12.15 4.31
CA ALA A 159 -3.37 11.21 4.46
C ALA A 159 -3.85 11.15 5.91
N MET A 160 -2.93 11.28 6.87
CA MET A 160 -3.31 11.28 8.27
C MET A 160 -4.17 12.50 8.60
N ASP A 161 -3.75 13.68 8.11
CA ASP A 161 -4.50 14.90 8.37
C ASP A 161 -5.96 14.76 7.93
N ILE A 162 -6.18 14.22 6.73
CA ILE A 162 -7.54 14.09 6.21
C ILE A 162 -8.33 13.10 7.06
N SER A 163 -7.74 11.95 7.36
CA SER A 163 -8.48 10.89 8.05
C SER A 163 -8.92 11.33 9.44
N LYS A 164 -8.07 12.07 10.15
CA LYS A 164 -8.41 12.52 11.49
C LYS A 164 -9.56 13.52 11.48
N LYS A 165 -9.68 14.31 10.41
CA LYS A 165 -10.74 15.30 10.31
C LYS A 165 -12.04 14.74 9.75
N GLU A 166 -11.96 13.76 8.85
CA GLU A 166 -13.10 13.39 8.02
C GLU A 166 -13.66 12.00 8.32
N MET A 167 -12.88 11.12 8.94
CA MET A 167 -13.27 9.72 9.08
C MET A 167 -13.28 9.29 10.54
N PRO A 168 -14.16 8.37 10.91
CA PRO A 168 -14.23 7.93 12.32
C PRO A 168 -13.01 7.12 12.72
N PRO A 169 -12.74 7.01 14.01
CA PRO A 169 -11.48 6.36 14.44
C PRO A 169 -11.43 4.87 14.17
N THR A 170 -12.55 4.22 13.90
CA THR A 170 -12.58 2.79 13.57
C THR A 170 -12.56 2.54 12.07
N ASN A 171 -12.62 3.58 11.25
CA ASN A 171 -12.68 3.37 9.81
C ASN A 171 -11.47 2.57 9.34
N PRO A 172 -11.66 1.51 8.54
CA PRO A 172 -10.51 0.66 8.20
C PRO A 172 -9.46 1.33 7.35
N ILE A 173 -9.84 2.28 6.49
CA ILE A 173 -8.83 2.99 5.71
C ILE A 173 -7.97 3.85 6.64
N ARG A 174 -8.62 4.54 7.59
CA ARG A 174 -7.88 5.32 8.57
C ARG A 174 -6.96 4.42 9.40
N LEU A 175 -7.48 3.28 9.87
CA LEU A 175 -6.67 2.37 10.66
C LEU A 175 -5.52 1.79 9.84
N GLY A 176 -5.80 1.34 8.62
CA GLY A 176 -4.76 0.79 7.78
C GLY A 176 -3.68 1.79 7.47
N LEU A 177 -4.06 3.04 7.21
CA LEU A 177 -3.08 4.10 6.99
C LEU A 177 -2.14 4.25 8.18
N ALA A 178 -2.70 4.29 9.39
CA ALA A 178 -1.88 4.48 10.57
C ALA A 178 -0.95 3.29 10.79
N LEU A 179 -1.42 2.08 10.51
CA LEU A 179 -0.58 0.90 10.67
C LEU A 179 0.62 0.96 9.74
N ASN A 180 0.39 1.22 8.46
CA ASN A 180 1.50 1.30 7.51
C ASN A 180 2.38 2.51 7.79
N PHE A 181 1.79 3.62 8.22
CA PHE A 181 2.59 4.78 8.57
C PHE A 181 3.47 4.48 9.78
N SER A 182 2.94 3.74 10.76
CA SER A 182 3.76 3.37 11.91
C SER A 182 4.89 2.43 11.49
N VAL A 183 4.63 1.51 10.56
CA VAL A 183 5.68 0.66 10.03
C VAL A 183 6.75 1.50 9.33
N PHE A 184 6.32 2.53 8.60
CA PHE A 184 7.26 3.45 7.99
C PHE A 184 8.18 4.07 9.05
N HIS A 185 7.60 4.58 10.14
CA HIS A 185 8.42 5.16 11.20
C HIS A 185 9.41 4.15 11.76
N TYR A 186 8.99 2.91 11.91
CA TYR A 186 9.82 1.90 12.59
C TYR A 186 10.92 1.38 11.67
N GLU A 187 10.55 0.87 10.50
CA GLU A 187 11.51 0.19 9.64
C GLU A 187 12.33 1.16 8.80
N ILE A 188 11.71 2.23 8.31
CA ILE A 188 12.38 3.15 7.40
C ILE A 188 13.05 4.26 8.19
N ALA A 189 12.25 5.13 8.80
CA ALA A 189 12.79 6.29 9.50
C ALA A 189 13.62 5.92 10.73
N ASN A 190 13.60 4.65 11.15
CA ASN A 190 14.31 4.24 12.37
C ASN A 190 13.88 5.10 13.56
N SER A 191 12.57 5.37 13.65
CA SER A 191 11.99 6.17 14.72
C SER A 191 10.98 5.32 15.47
N PRO A 192 11.45 4.36 16.27
CA PRO A 192 10.51 3.47 16.96
C PRO A 192 9.58 4.18 17.93
N GLU A 193 9.95 5.37 18.41
CA GLU A 193 9.12 6.08 19.37
C GLU A 193 7.86 6.63 18.69
N GLU A 194 8.01 7.25 17.53
CA GLU A 194 6.85 7.72 16.77
C GLU A 194 6.00 6.55 16.28
N ALA A 195 6.64 5.43 15.93
CA ALA A 195 5.89 4.27 15.48
C ALA A 195 5.02 3.71 16.60
N ILE A 196 5.53 3.72 17.83
CA ILE A 196 4.78 3.15 18.95
C ILE A 196 3.65 4.07 19.36
N SER A 197 3.93 5.36 19.53
CA SER A 197 2.90 6.30 19.95
C SER A 197 1.76 6.36 18.94
N LEU A 198 2.09 6.36 17.65
CA LEU A 198 1.05 6.38 16.62
C LEU A 198 0.22 5.11 16.66
N ALA A 199 0.87 3.96 16.72
CA ALA A 199 0.13 2.70 16.74
C ALA A 199 -0.73 2.60 18.00
N LYS A 200 -0.21 3.08 19.13
CA LYS A 200 -0.97 3.03 20.38
C LYS A 200 -2.12 4.02 20.36
N THR A 201 -1.85 5.26 19.94
CA THR A 201 -2.91 6.26 19.81
C THR A 201 -4.00 5.77 18.88
N THR A 202 -3.62 5.21 17.73
CA THR A 202 -4.61 4.71 16.78
C THR A 202 -5.48 3.63 17.42
N PHE A 203 -4.84 2.65 18.06
CA PHE A 203 -5.59 1.57 18.70
C PHE A 203 -6.44 2.11 19.86
N ASP A 204 -5.85 2.94 20.71
CA ASP A 204 -6.57 3.44 21.88
C ASP A 204 -7.77 4.29 21.48
N GLU A 205 -7.63 5.08 20.41
CA GLU A 205 -8.73 5.91 19.96
C GLU A 205 -9.81 5.09 19.24
N ALA A 206 -9.41 3.98 18.62
CA ALA A 206 -10.41 3.08 18.03
C ALA A 206 -11.24 2.43 19.12
N MET A 207 -10.61 1.98 20.20
CA MET A 207 -11.35 1.36 21.30
C MET A 207 -12.23 2.38 22.00
N ALA A 208 -11.71 3.59 22.22
CA ALA A 208 -12.49 4.61 22.91
C ALA A 208 -13.78 4.92 22.16
N ASP A 209 -13.74 4.90 20.83
CA ASP A 209 -14.93 5.15 20.03
C ASP A 209 -15.32 3.90 19.25
N LEU A 210 -15.31 2.76 19.95
CA LEU A 210 -15.61 1.48 19.30
C LEU A 210 -17.01 1.45 18.71
N HIS A 211 -17.91 2.29 19.22
CA HIS A 211 -19.29 2.32 18.73
C HIS A 211 -19.41 2.81 17.29
N THR A 212 -18.34 3.37 16.71
CA THR A 212 -18.39 3.87 15.35
C THR A 212 -18.13 2.80 14.31
N LEU A 213 -17.95 1.54 14.71
CA LEU A 213 -17.79 0.46 13.76
C LEU A 213 -19.00 0.42 12.81
N SER A 214 -18.72 0.14 11.54
CA SER A 214 -19.74 0.15 10.51
C SER A 214 -20.16 -1.28 10.15
N GLU A 215 -21.46 -1.46 9.92
CA GLU A 215 -21.98 -2.79 9.62
C GLU A 215 -21.31 -3.39 8.38
N ASP A 216 -20.87 -2.57 7.44
CA ASP A 216 -20.32 -3.08 6.19
C ASP A 216 -18.80 -3.16 6.19
N SER A 217 -18.13 -2.81 7.30
CA SER A 217 -16.67 -2.89 7.32
C SER A 217 -16.08 -3.29 8.67
N TYR A 218 -16.90 -3.69 9.66
CA TYR A 218 -16.36 -3.92 10.99
C TYR A 218 -15.36 -5.07 11.01
N LYS A 219 -15.51 -6.05 10.11
CA LYS A 219 -14.57 -7.15 10.06
C LYS A 219 -13.17 -6.65 9.70
N ASP A 220 -13.07 -5.73 8.74
CA ASP A 220 -11.77 -5.16 8.40
C ASP A 220 -11.23 -4.30 9.54
N SER A 221 -12.10 -3.52 10.18
CA SER A 221 -11.66 -2.69 11.31
C SER A 221 -11.04 -3.56 12.41
N THR A 222 -11.77 -4.59 12.86
CA THR A 222 -11.27 -5.42 13.94
C THR A 222 -10.01 -6.16 13.52
N LEU A 223 -9.96 -6.63 12.27
CA LEU A 223 -8.74 -7.26 11.77
C LEU A 223 -7.55 -6.33 11.95
N ILE A 224 -7.70 -5.07 11.52
CA ILE A 224 -6.55 -4.15 11.52
C ILE A 224 -6.23 -3.71 12.95
N MET A 225 -7.24 -3.56 13.79
CA MET A 225 -6.97 -3.26 15.20
C MET A 225 -6.09 -4.34 15.82
N GLN A 226 -6.38 -5.61 15.52
CA GLN A 226 -5.56 -6.69 16.04
C GLN A 226 -4.14 -6.62 15.49
N LEU A 227 -4.00 -6.29 14.20
CA LEU A 227 -2.66 -6.17 13.62
C LEU A 227 -1.89 -5.02 14.26
N LEU A 228 -2.59 -3.93 14.61
CA LEU A 228 -1.94 -2.87 15.38
C LEU A 228 -1.46 -3.38 16.72
N ARG A 229 -2.29 -4.15 17.41
CA ARG A 229 -1.88 -4.72 18.70
C ARG A 229 -0.70 -5.67 18.53
N ASP A 230 -0.72 -6.50 17.48
CA ASP A 230 0.38 -7.42 17.24
C ASP A 230 1.70 -6.69 17.11
N ASN A 231 1.71 -5.60 16.33
CA ASN A 231 2.96 -4.85 16.16
C ASN A 231 3.38 -4.20 17.46
N LEU A 232 2.43 -3.67 18.24
CA LEU A 232 2.76 -3.10 19.53
C LEU A 232 3.39 -4.14 20.44
N THR A 233 2.87 -5.37 20.41
CA THR A 233 3.46 -6.44 21.22
C THR A 233 4.92 -6.68 20.84
N LEU A 234 5.22 -6.69 19.54
CA LEU A 234 6.61 -6.92 19.11
C LEU A 234 7.49 -5.74 19.49
N TRP A 235 7.03 -4.52 19.19
CA TRP A 235 7.84 -3.32 19.42
C TRP A 235 8.04 -3.01 20.90
N THR A 236 7.46 -3.79 21.80
CA THR A 236 7.64 -3.57 23.24
C THR A 236 7.95 -4.88 23.95
N PRO B 1 6.01 -6.11 8.69
CA PRO B 1 4.69 -6.50 9.18
C PRO B 1 3.65 -5.43 8.90
N SEP B 2 3.50 -5.10 7.62
CA SEP B 2 2.55 -4.09 7.18
CB SEP B 2 3.04 -3.43 5.90
OG SEP B 2 3.17 -4.43 4.90
C SEP B 2 1.18 -4.70 6.96
O SEP B 2 0.93 -5.85 7.30
P SEP B 2 3.98 -3.89 3.61
O1P SEP B 2 4.06 -5.14 2.58
O2P SEP B 2 5.46 -3.42 4.03
O3P SEP B 2 3.18 -2.66 2.95
HA SEP B 2 2.47 -3.40 7.87
HB2 SEP B 2 3.91 -3.02 6.06
HB3 SEP B 2 2.40 -2.77 5.61
N LEU B 3 0.30 -3.91 6.36
CA LEU B 3 -1.06 -4.35 6.05
C LEU B 3 -1.03 -5.56 5.12
N PRO B 4 -1.67 -6.67 5.52
CA PRO B 4 -1.75 -7.78 4.57
C PRO B 4 -2.80 -7.51 3.50
N DVA B 5 -2.34 -7.15 2.31
CA DVA B 5 -3.24 -6.85 1.21
CB DVA B 5 -2.48 -6.79 -0.12
CG1 DVA B 5 -1.61 -8.04 -0.32
CG2 DVA B 5 -3.44 -6.59 -1.27
C DVA B 5 -3.99 -5.54 1.48
O DVA B 5 -3.39 -4.47 1.49
H DVA B 5 -1.51 -7.07 2.12
HA DVA B 5 -3.90 -7.56 1.14
HB DVA B 5 -1.88 -6.02 -0.10
HG11 DVA B 5 -1.90 -8.49 -1.13
HG12 DVA B 5 -1.73 -8.62 0.45
HG13 DVA B 5 -0.69 -7.77 -0.39
HG21 DVA B 5 -3.23 -5.76 -1.72
HG22 DVA B 5 -4.35 -6.55 -0.90
HG23 DVA B 5 -3.37 -7.33 -1.87
CA CA C . -16.15 5.19 24.50
CL CL D . -8.13 -10.93 -22.37
NA NA E . -9.77 3.57 -26.43
N10 60H F . -5.31 -5.08 1.20
C38 60H F . -5.59 -3.58 1.29
C39 60H F . -5.63 -3.00 2.79
C46 60H F . -5.91 -1.40 2.81
C51 60H F . -5.69 -0.56 1.67
C50 60H F . -5.94 0.83 1.70
C49 60H F . -6.42 1.43 2.88
C48 60H F . -6.65 0.64 4.01
C47 60H F . -6.40 -0.75 3.97
C40 60H F . -6.64 -3.84 3.68
C45 60H F . -6.18 -4.98 4.37
C44 60H F . -7.06 -5.77 5.17
C43 60H F . -8.42 -5.43 5.26
C42 60H F . -8.91 -4.30 4.58
C41 60H F . -8.02 -3.52 3.78
C37 60H F . -6.84 -3.33 0.51
C36 60H F . -7.65 -4.59 0.62
C35 60H F . -6.62 -5.71 0.66
#